data_6GBA
#
_entry.id   6GBA
#
_cell.length_a   89.880
_cell.length_b   30.931
_cell.length_c   49.132
_cell.angle_alpha   90.00
_cell.angle_beta   112.93
_cell.angle_gamma   90.00
#
_symmetry.space_group_name_H-M   'C 1 2 1'
#
loop_
_entity.id
_entity.type
_entity.pdbx_description
1 polymer 'Putative blue-light photoreceptor'
2 non-polymer 'FLAVIN MONONUCLEOTIDE'
3 water water
#
_entity_poly.entity_id   1
_entity_poly.type   'polypeptide(L)'
_entity_poly.pdbx_seq_one_letter_code
;MRRHYRDLIRNTPMPDTPQDIADLRALLDEDEAEMSVVFSDPSQPDNPAIYVSDAFLVQTGYTLEEVLGRNCRFLQGPDT
NPHAVEAIRQGLKAETRFTIDILNYRKDGSAFVNRLRIRPIYDPEGNLMFFAGAQNPVLEHHHHHH
;
_entity_poly.pdbx_strand_id   A
#
loop_
_chem_comp.id
_chem_comp.type
_chem_comp.name
_chem_comp.formula
FMN non-polymer 'FLAVIN MONONUCLEOTIDE' 'C17 H21 N4 O9 P'
#
# COMPACT_ATOMS: atom_id res chain seq x y z
N ASP A 20 -18.86 -16.43 0.83
CA ASP A 20 -17.90 -16.25 -0.26
C ASP A 20 -17.13 -14.93 -0.11
N ILE A 21 -15.81 -15.02 0.01
CA ILE A 21 -14.96 -13.86 0.22
C ILE A 21 -14.19 -13.58 -1.07
N ALA A 22 -14.09 -12.30 -1.43
CA ALA A 22 -13.43 -11.91 -2.67
C ALA A 22 -11.96 -12.31 -2.66
N ASP A 23 -11.50 -12.82 -3.80
CA ASP A 23 -10.09 -13.19 -3.95
C ASP A 23 -9.38 -12.01 -4.59
N LEU A 24 -9.02 -11.03 -3.76
CA LEU A 24 -8.37 -9.82 -4.28
C LEU A 24 -6.99 -10.14 -4.86
N ARG A 25 -6.31 -11.16 -4.33
CA ARG A 25 -5.03 -11.57 -4.89
C ARG A 25 -5.12 -11.96 -6.35
N ALA A 26 -6.34 -12.18 -6.87
CA ALA A 26 -6.56 -12.46 -8.28
C ALA A 26 -6.49 -11.21 -9.15
N LEU A 27 -6.02 -10.11 -8.58
CA LEU A 27 -5.67 -8.93 -9.36
C LEU A 27 -4.18 -8.61 -9.27
N LEU A 28 -3.41 -9.44 -8.56
CA LEU A 28 -1.98 -9.23 -8.39
C LEU A 28 -1.24 -9.40 -9.71
N ASP A 29 -0.26 -8.53 -9.94
CA ASP A 29 0.71 -8.78 -10.98
C ASP A 29 1.58 -9.98 -10.59
N GLU A 30 2.19 -10.61 -11.62
CA GLU A 30 3.05 -11.75 -11.36
C GLU A 30 4.17 -11.40 -10.39
N ASP A 31 4.67 -10.16 -10.44
CA ASP A 31 5.76 -9.74 -9.56
C ASP A 31 5.31 -9.72 -8.09
N GLU A 32 4.08 -9.31 -7.82
CA GLU A 32 3.61 -9.03 -6.47
C GLU A 32 3.05 -10.26 -5.76
N ALA A 33 3.20 -11.46 -6.32
CA ALA A 33 2.58 -12.64 -5.72
C ALA A 33 3.27 -13.05 -4.43
N GLU A 34 4.60 -13.22 -4.48
CA GLU A 34 5.41 -13.50 -3.29
C GLU A 34 5.91 -12.22 -2.62
N MET A 35 5.13 -11.15 -2.66
CA MET A 35 5.60 -9.84 -2.24
C MET A 35 4.72 -9.27 -1.15
N SER A 36 5.25 -8.25 -0.49
CA SER A 36 4.45 -7.37 0.34
C SER A 36 3.56 -6.55 -0.58
N VAL A 37 2.25 -6.71 -0.43
CA VAL A 37 1.34 -5.94 -1.27
C VAL A 37 0.09 -5.59 -0.47
N VAL A 38 -0.47 -4.43 -0.79
CA VAL A 38 -1.66 -3.88 -0.17
C VAL A 38 -2.62 -3.49 -1.28
N PHE A 39 -3.92 -3.74 -1.08
CA PHE A 39 -4.94 -3.10 -1.89
C PHE A 39 -5.76 -2.19 -1.00
N SER A 40 -6.02 -0.99 -1.49
CA SER A 40 -6.80 0.01 -0.77
C SER A 40 -8.06 0.31 -1.54
N ASP A 41 -9.08 0.78 -0.83
CA ASP A 41 -10.36 1.11 -1.45
C ASP A 41 -10.55 2.61 -1.36
N PRO A 42 -10.26 3.35 -2.44
CA PRO A 42 -10.37 4.82 -2.38
C PRO A 42 -11.80 5.34 -2.32
N SER A 43 -12.80 4.50 -2.54
CA SER A 43 -14.19 4.95 -2.37
C SER A 43 -14.59 4.99 -0.90
N GLN A 44 -13.83 4.31 -0.01
CA GLN A 44 -14.13 4.43 1.40
C GLN A 44 -13.37 5.62 2.00
N PRO A 45 -13.91 6.20 3.06
CA PRO A 45 -13.23 7.33 3.70
C PRO A 45 -11.82 6.94 4.16
N ASP A 46 -10.86 7.79 3.81
CA ASP A 46 -9.45 7.66 4.19
C ASP A 46 -8.73 6.53 3.47
N ASN A 47 -9.30 6.01 2.37
CA ASN A 47 -8.59 5.13 1.46
C ASN A 47 -7.95 3.95 2.19
N PRO A 48 -8.72 3.17 2.93
CA PRO A 48 -8.13 2.16 3.82
C PRO A 48 -7.62 0.94 3.08
N ALA A 49 -6.69 0.25 3.73
CA ALA A 49 -6.31 -1.08 3.27
C ALA A 49 -7.46 -2.05 3.47
N ILE A 50 -7.86 -2.73 2.38
CA ILE A 50 -8.82 -3.82 2.46
C ILE A 50 -8.18 -5.19 2.27
N TYR A 51 -6.91 -5.25 1.87
CA TYR A 51 -6.20 -6.51 1.76
C TYR A 51 -4.72 -6.23 1.94
N VAL A 52 -4.05 -7.08 2.72
CA VAL A 52 -2.59 -7.07 2.81
C VAL A 52 -2.09 -8.49 2.71
N SER A 53 -0.96 -8.70 2.04
CA SER A 53 -0.39 -10.03 1.94
C SER A 53 0.30 -10.40 3.24
N ASP A 54 0.45 -11.71 3.46
CA ASP A 54 1.17 -12.15 4.66
C ASP A 54 2.59 -11.60 4.67
N ALA A 55 3.23 -11.46 3.50
CA ALA A 55 4.57 -10.88 3.45
C ALA A 55 4.59 -9.46 4.01
N PHE A 56 3.52 -8.70 3.75
CA PHE A 56 3.42 -7.36 4.31
C PHE A 56 3.38 -7.41 5.84
N LEU A 57 2.54 -8.31 6.38
CA LEU A 57 2.39 -8.41 7.83
C LEU A 57 3.70 -8.86 8.47
N VAL A 58 4.40 -9.79 7.84
CA VAL A 58 5.66 -10.28 8.38
C VAL A 58 6.70 -9.17 8.42
N GLN A 59 6.80 -8.43 7.32
CA GLN A 59 7.80 -7.35 7.23
C GLN A 59 7.55 -6.29 8.28
N THR A 60 6.29 -5.89 8.45
CA THR A 60 5.96 -4.76 9.32
C THR A 60 5.70 -5.16 10.76
N GLY A 61 5.44 -6.44 11.02
CA GLY A 61 5.25 -6.91 12.38
C GLY A 61 3.87 -6.73 12.96
N TYR A 62 2.85 -6.54 12.11
CA TYR A 62 1.47 -6.39 12.57
C TYR A 62 0.65 -7.64 12.30
N THR A 63 -0.48 -7.72 13.01
CA THR A 63 -1.50 -8.73 12.74
C THR A 63 -2.51 -8.17 11.75
N LEU A 64 -3.31 -9.05 11.16
CA LEU A 64 -4.28 -8.60 10.17
C LEU A 64 -5.24 -7.60 10.79
N GLU A 65 -5.73 -7.88 12.01
CA GLU A 65 -6.66 -7.00 12.70
C GLU A 65 -6.09 -5.60 12.93
N GLU A 66 -4.76 -5.48 13.02
CA GLU A 66 -4.11 -4.21 13.28
C GLU A 66 -4.01 -3.33 12.05
N VAL A 67 -4.27 -3.87 10.86
CA VAL A 67 -3.96 -3.19 9.61
C VAL A 67 -5.18 -3.02 8.73
N LEU A 68 -6.05 -4.03 8.66
CA LEU A 68 -7.20 -3.94 7.76
C LEU A 68 -8.10 -2.77 8.16
N GLY A 69 -8.55 -2.02 7.17
CA GLY A 69 -9.43 -0.90 7.44
C GLY A 69 -8.74 0.37 7.84
N ARG A 70 -7.40 0.40 7.88
CA ARG A 70 -6.67 1.62 8.17
C ARG A 70 -5.94 2.09 6.92
N ASN A 71 -5.78 3.41 6.83
CA ASN A 71 -4.89 3.98 5.82
C ASN A 71 -3.45 3.57 6.10
N CYS A 72 -2.69 3.29 5.03
CA CYS A 72 -1.32 2.78 5.18
C CYS A 72 -0.35 3.81 5.75
N ARG A 73 -0.77 5.03 6.08
CA ARG A 73 0.16 5.97 6.69
C ARG A 73 0.71 5.49 8.04
N PHE A 74 0.11 4.46 8.64
CA PHE A 74 0.70 3.95 9.89
C PHE A 74 2.10 3.40 9.69
N LEU A 75 2.53 3.17 8.44
CA LEU A 75 3.92 2.77 8.18
C LEU A 75 4.90 3.93 8.31
N GLN A 76 4.43 5.16 8.42
CA GLN A 76 5.34 6.30 8.50
C GLN A 76 5.68 6.58 9.95
N GLY A 77 6.84 7.18 10.15
CA GLY A 77 7.33 7.41 11.49
C GLY A 77 8.08 8.72 11.58
N PRO A 78 8.80 8.90 12.68
CA PRO A 78 9.28 10.24 13.03
C PRO A 78 10.24 10.85 12.02
N ASP A 79 11.00 10.05 11.27
CA ASP A 79 11.94 10.60 10.31
C ASP A 79 11.48 10.42 8.88
N THR A 80 10.24 10.01 8.66
CA THR A 80 9.72 9.95 7.30
C THR A 80 9.67 11.36 6.71
N ASN A 81 10.09 11.49 5.44
CA ASN A 81 10.12 12.81 4.83
C ASN A 81 8.70 13.25 4.51
N PRO A 82 8.24 14.38 5.03
CA PRO A 82 6.85 14.79 4.77
C PRO A 82 6.60 15.14 3.31
N HIS A 83 7.62 15.59 2.58
CA HIS A 83 7.42 15.82 1.15
C HIS A 83 7.22 14.50 0.42
N ALA A 84 7.90 13.43 0.87
CA ALA A 84 7.64 12.14 0.25
C ALA A 84 6.19 11.71 0.47
N VAL A 85 5.67 11.98 1.66
CA VAL A 85 4.28 11.68 1.97
C VAL A 85 3.37 12.48 1.03
N GLU A 86 3.68 13.76 0.83
CA GLU A 86 2.84 14.57 -0.04
C GLU A 86 2.94 14.11 -1.50
N ALA A 87 4.14 13.74 -1.93
CA ALA A 87 4.32 13.18 -3.27
C ALA A 87 3.38 12.00 -3.50
N ILE A 88 3.32 11.07 -2.53
CA ILE A 88 2.44 9.91 -2.65
C ILE A 88 1.00 10.36 -2.74
N ARG A 89 0.61 11.33 -1.90
CA ARG A 89 -0.77 11.78 -1.88
C ARG A 89 -1.16 12.37 -3.23
N GLN A 90 -0.28 13.19 -3.81
CA GLN A 90 -0.54 13.75 -5.14
C GLN A 90 -0.53 12.68 -6.21
N GLY A 91 0.39 11.71 -6.10
CA GLY A 91 0.41 10.61 -7.05
C GLY A 91 -0.88 9.82 -7.05
N LEU A 92 -1.47 9.63 -5.86
CA LEU A 92 -2.76 8.97 -5.78
C LEU A 92 -3.85 9.79 -6.45
N LYS A 93 -3.88 11.10 -6.20
CA LYS A 93 -4.84 11.97 -6.86
C LYS A 93 -4.67 11.92 -8.36
N ALA A 94 -3.42 11.78 -8.83
CA ALA A 94 -3.17 11.73 -10.27
C ALA A 94 -3.65 10.44 -10.89
N GLU A 95 -3.88 9.39 -10.09
CA GLU A 95 -4.30 8.08 -10.58
C GLU A 95 -3.35 7.60 -11.67
N THR A 96 -2.09 7.49 -11.30
CA THR A 96 -1.08 7.04 -12.25
C THR A 96 -0.11 6.14 -11.52
N ARG A 97 0.65 5.37 -12.29
CA ARG A 97 1.66 4.50 -11.70
C ARG A 97 2.82 5.34 -11.19
N PHE A 98 3.28 5.06 -9.97
CA PHE A 98 4.45 5.77 -9.48
C PHE A 98 5.16 4.91 -8.43
N THR A 99 6.41 5.26 -8.20
CA THR A 99 7.29 4.59 -7.25
C THR A 99 8.04 5.63 -6.46
N ILE A 100 8.22 5.41 -5.16
CA ILE A 100 9.01 6.34 -4.37
C ILE A 100 9.70 5.58 -3.26
N ASP A 101 10.92 6.01 -2.93
CA ASP A 101 11.63 5.49 -1.76
C ASP A 101 11.27 6.35 -0.56
N ILE A 102 10.71 5.72 0.48
CA ILE A 102 10.25 6.45 1.64
C ILE A 102 10.64 5.65 2.88
N LEU A 103 11.09 6.36 3.91
CA LEU A 103 11.43 5.68 5.17
C LEU A 103 10.17 5.23 5.87
N ASN A 104 10.09 3.95 6.18
CA ASN A 104 8.93 3.38 6.87
C ASN A 104 9.42 2.68 8.14
N TYR A 105 8.46 2.32 8.98
CA TYR A 105 8.77 1.76 10.30
C TYR A 105 7.94 0.51 10.55
N ARG A 106 8.54 -0.44 11.26
CA ARG A 106 7.82 -1.61 11.75
C ARG A 106 7.18 -1.31 13.11
N LYS A 107 6.36 -2.25 13.58
CA LYS A 107 5.68 -2.04 14.86
C LYS A 107 6.67 -1.86 16.00
N ASP A 108 7.83 -2.53 15.95
CA ASP A 108 8.80 -2.34 17.02
C ASP A 108 9.59 -1.05 16.88
N GLY A 109 9.29 -0.22 15.90
CA GLY A 109 9.96 1.05 15.75
C GLY A 109 11.20 1.03 14.90
N SER A 110 11.63 -0.14 14.43
CA SER A 110 12.77 -0.18 13.53
C SER A 110 12.37 0.40 12.19
N ALA A 111 13.30 1.11 11.55
CA ALA A 111 13.01 1.80 10.29
C ALA A 111 13.65 1.08 9.11
N PHE A 112 13.04 1.22 7.94
CA PHE A 112 13.61 0.65 6.74
C PHE A 112 13.20 1.53 5.56
N VAL A 113 14.07 1.58 4.56
CA VAL A 113 13.78 2.34 3.36
C VAL A 113 12.92 1.47 2.45
N ASN A 114 11.71 1.94 2.16
CA ASN A 114 10.72 1.20 1.39
C ASN A 114 10.64 1.78 -0.01
N ARG A 115 10.93 0.97 -1.02
CA ARG A 115 10.66 1.33 -2.42
C ARG A 115 9.20 0.95 -2.67
N LEU A 116 8.32 1.94 -2.58
CA LEU A 116 6.89 1.75 -2.67
C LEU A 116 6.42 1.97 -4.10
N ARG A 117 5.72 1.00 -4.67
CA ARG A 117 5.21 1.09 -6.04
C ARG A 117 3.70 1.03 -5.98
N ILE A 118 3.02 2.02 -6.56
CA ILE A 118 1.57 2.13 -6.48
C ILE A 118 1.02 2.22 -7.89
N ARG A 119 -0.13 1.59 -8.12
CA ARG A 119 -0.79 1.68 -9.41
C ARG A 119 -2.30 1.67 -9.20
N PRO A 120 -3.04 2.40 -10.02
CA PRO A 120 -4.49 2.42 -9.88
C PRO A 120 -5.10 1.22 -10.60
N ILE A 121 -6.22 0.75 -10.09
CA ILE A 121 -7.00 -0.30 -10.73
C ILE A 121 -8.41 0.22 -10.96
N TYR A 122 -8.90 0.09 -12.20
CA TYR A 122 -10.21 0.61 -12.59
C TYR A 122 -11.20 -0.51 -12.84
N ASP A 123 -12.49 -0.18 -12.74
CA ASP A 123 -13.57 -1.09 -13.10
C ASP A 123 -13.86 -1.00 -14.60
N PRO A 124 -14.67 -1.93 -15.13
CA PRO A 124 -14.97 -1.90 -16.59
C PRO A 124 -15.46 -0.56 -17.13
N GLU A 125 -16.20 0.24 -16.34
CA GLU A 125 -16.58 1.55 -16.85
CA GLU A 125 -16.59 1.57 -16.77
C GLU A 125 -15.41 2.51 -16.90
N GLY A 126 -14.28 2.17 -16.30
CA GLY A 126 -13.15 3.07 -16.25
C GLY A 126 -13.10 3.92 -15.01
N ASN A 127 -13.93 3.63 -14.01
CA ASN A 127 -13.89 4.35 -12.75
C ASN A 127 -12.83 3.73 -11.84
N LEU A 128 -12.07 4.59 -11.16
CA LEU A 128 -11.10 4.11 -10.19
C LEU A 128 -11.79 3.22 -9.17
N MET A 129 -11.16 2.09 -8.88
CA MET A 129 -11.76 1.06 -8.04
C MET A 129 -10.88 0.74 -6.84
N PHE A 130 -9.59 0.49 -7.08
CA PHE A 130 -8.64 0.17 -6.02
C PHE A 130 -7.32 0.81 -6.36
N PHE A 131 -6.46 0.89 -5.37
CA PHE A 131 -5.03 1.10 -5.58
C PHE A 131 -4.32 -0.18 -5.14
N ALA A 132 -3.27 -0.55 -5.87
CA ALA A 132 -2.39 -1.62 -5.45
C ALA A 132 -1.06 -0.99 -5.09
N GLY A 133 -0.52 -1.37 -3.92
CA GLY A 133 0.77 -0.87 -3.46
C GLY A 133 1.66 -2.04 -3.13
N ALA A 134 2.87 -2.04 -3.65
CA ALA A 134 3.83 -3.10 -3.37
C ALA A 134 5.02 -2.51 -2.62
N GLN A 135 5.47 -3.21 -1.59
CA GLN A 135 6.59 -2.76 -0.77
C GLN A 135 7.81 -3.63 -1.03
N ASN A 136 8.95 -3.00 -1.27
CA ASN A 136 10.23 -3.69 -1.39
C ASN A 136 11.23 -2.92 -0.55
N PRO A 137 11.74 -3.49 0.53
CA PRO A 137 12.81 -2.82 1.27
C PRO A 137 14.07 -2.68 0.41
N VAL A 138 14.61 -1.47 0.41
CA VAL A 138 15.84 -1.19 -0.34
C VAL A 138 17.04 -1.59 0.51
N LEU A 139 17.83 -2.53 0.01
CA LEU A 139 18.94 -3.10 0.78
C LEU A 139 20.23 -2.29 0.64
N1 FMN B . 2.77 4.85 2.60
C2 FMN B . 3.94 4.43 3.20
O2 FMN B . 4.63 5.25 3.84
N3 FMN B . 4.35 3.13 3.03
C4 FMN B . 3.61 2.22 2.29
O4 FMN B . 3.99 1.06 2.17
C4A FMN B . 2.41 2.64 1.71
N5 FMN B . 1.63 1.75 0.98
C5A FMN B . 0.47 2.21 0.38
C6 FMN B . -0.32 1.35 -0.37
C7 FMN B . -1.50 1.79 -0.95
C7M FMN B . -2.33 0.85 -1.77
C8 FMN B . -1.89 3.12 -0.80
C8M FMN B . -3.15 3.62 -1.42
C9 FMN B . -1.11 4.00 -0.06
C9A FMN B . 0.07 3.54 0.54
N10 FMN B . 0.83 4.40 1.32
C10 FMN B . 2.02 3.96 1.86
C1' FMN B . 0.49 5.86 1.46
C2' FMN B . -0.49 6.26 2.56
O2' FMN B . -1.56 5.36 2.61
C3' FMN B . -0.97 7.67 2.24
O3' FMN B . -1.61 7.71 0.97
C4' FMN B . 0.19 8.65 2.28
O4' FMN B . 0.56 8.85 3.63
C5' FMN B . -0.16 10.02 1.70
O5' FMN B . -1.47 10.33 2.11
P FMN B . -1.76 11.25 3.42
O1P FMN B . -1.06 10.63 4.61
O2P FMN B . -1.24 12.65 3.20
O3P FMN B . -3.26 11.30 3.65
#